data_6DVK
#
_entry.id   6DVK
#
_cell.length_a   233.372
_cell.length_b   25.358
_cell.length_c   42.861
_cell.angle_alpha   90.000
_cell.angle_beta   99.740
_cell.angle_gamma   90.000
#
_symmetry.space_group_name_H-M   'C 1 2 1'
#
loop_
_entity.id
_entity.type
_entity.pdbx_description
1 polymer 'RNA (95-MER)'
2 non-polymer 'MAGNESIUM ION'
3 non-polymer 'COBALT (II) ION'
4 water water
#
_entity_poly.entity_id   1
_entity_poly.type   'polyribonucleotide'
_entity_poly.pdbx_seq_one_letter_code
;GUUGAUAUGGAUUUACUCCGAGGAGACGAACUACCACGAACAGGGGAAACUCUACCCGUGGCGUCUCCGUUUGACGAGUA
AGUCCUAAGUCAACA
;
_entity_poly.pdbx_strand_id   H
#
loop_
_chem_comp.id
_chem_comp.type
_chem_comp.name
_chem_comp.formula
A RNA linking ADENOSINE-5'-MONOPHOSPHATE 'C10 H14 N5 O7 P'
C RNA linking CYTIDINE-5'-MONOPHOSPHATE 'C9 H14 N3 O8 P'
CO non-polymer 'COBALT (II) ION' 'Co 2'
G RNA linking GUANOSINE-5'-MONOPHOSPHATE 'C10 H14 N5 O8 P'
MG non-polymer 'MAGNESIUM ION' 'Mg 2'
U RNA linking URIDINE-5'-MONOPHOSPHATE 'C9 H13 N2 O9 P'
#
# COMPACT_ATOMS: atom_id res chain seq x y z
MG MG B . 38.55 -10.17 -10.42
MG MG C . 6.82 -7.05 -4.20
MG MG D . -29.24 10.33 4.50
MG MG E . 21.31 -2.39 0.94
CO CO F . 5.81 21.82 11.95
CO CO G . -8.79 -6.23 -2.76
CO CO H . 7.00 10.61 12.23
CO CO I . -16.07 -3.37 -5.30
MG MG J . -25.39 -13.55 -6.94
#